data_8SC6
#
_entry.id   8SC6
#
_cell.length_a   1.00
_cell.length_b   1.00
_cell.length_c   1.00
_cell.angle_alpha   90.00
_cell.angle_beta   90.00
_cell.angle_gamma   90.00
#
_symmetry.space_group_name_H-M   'P 1'
#
loop_
_entity.id
_entity.type
_entity.pdbx_description
1 polymer 'Solute carrier family 22 member 1'
2 non-polymer 3-(4-AMINO-2-METHYL-PYRIMIDIN-5-YLMETHYL)-5-(2-HYDROXY-ETHYL)-4-METHYL-THIAZOL-3-IUM
#
_entity_poly.entity_id   1
_entity_poly.type   'polypeptide(L)'
_entity_poly.pdbx_seq_one_letter_code
;MPTVDDILEQVGESGWFQKQAFLILCLLSAAFAPICVGIVFLGFTPDHHCQSPGVAELSQRCGWSPAEELNYTVPGLGPA
GEAFLGQCRRYEVDWNQSALSCVDPLASLATNRSHLPLGPCQDGWVYDTPGSSIVTEFNLVCADSWKLDLFQSCLNAGFL
FGSLGVGYFADRFGRKLCLLGTVLVNAVSGVLMAFSPNYMSMLLFRLLQGLVSKGNWMAGYTLITEFVGSGSRRTVAIMY
QMAFTVGLVALTGLAYALPHWRWLQLAVSLPTFLFLLYYWCVPESPRWLLSQKRNTEAIKIMDHIAQKNGKLPPADLKML
SLEEDVTEKLSPSFADLFRTPRLRKRTFILMYLWFTDSVLYQGLILHMGATSGNLYLDFLYSALVEIPGAFIALITIDRV
GRIYPMAMSNLLAGAACLVMIFISPDLHWLNIIIMCVGRMGITIAIQMICLVNAELYPTFVRNLGVMVCSSLCDIGGIIT
PFIVFRLREVWQALPLILFAVLGLLAAGVTLLLPETKGVALPETMKDAENLGRKAKPKENTIYLKVQTSEPSGT
;
_entity_poly.pdbx_strand_id   A
#
loop_
_chem_comp.id
_chem_comp.type
_chem_comp.name
_chem_comp.formula
VIB non-polymer 3-(4-AMINO-2-METHYL-PYRIMIDIN-5-YLMETHYL)-5-(2-HYDROXY-ETHYL)-4-METHYL-THIAZOL-3-IUM 'C12 H17 N4 O S 1'
#
# COMPACT_ATOMS: atom_id res chain seq x y z
N LYS A 19 13.27 -19.18 -24.00
CA LYS A 19 12.38 -18.17 -23.45
C LYS A 19 11.26 -18.81 -22.64
N GLN A 20 11.36 -20.13 -22.44
CA GLN A 20 10.37 -20.84 -21.64
C GLN A 20 10.39 -20.38 -20.19
N ALA A 21 11.59 -20.21 -19.63
CA ALA A 21 11.70 -19.76 -18.25
C ALA A 21 11.39 -18.28 -18.08
N PHE A 22 11.30 -17.54 -19.17
CA PHE A 22 10.94 -16.12 -19.08
C PHE A 22 9.54 -15.94 -18.51
N LEU A 23 8.60 -16.81 -18.90
CA LEU A 23 7.24 -16.70 -18.39
C LEU A 23 7.19 -16.87 -16.87
N ILE A 24 7.88 -17.89 -16.35
CA ILE A 24 7.85 -18.10 -14.91
C ILE A 24 8.64 -17.03 -14.17
N LEU A 25 9.75 -16.56 -14.74
CA LEU A 25 10.51 -15.49 -14.09
C LEU A 25 9.73 -14.18 -14.06
N CYS A 26 8.87 -13.94 -15.06
CA CYS A 26 8.00 -12.77 -15.01
C CYS A 26 6.83 -12.99 -14.06
N LEU A 27 6.35 -14.24 -13.96
CA LEU A 27 5.30 -14.54 -12.99
C LEU A 27 5.80 -14.32 -11.57
N LEU A 28 7.08 -14.60 -11.32
CA LEU A 28 7.64 -14.39 -9.99
C LEU A 28 7.54 -12.93 -9.56
N SER A 29 7.59 -12.00 -10.51
CA SER A 29 7.44 -10.58 -10.23
C SER A 29 5.98 -10.12 -10.27
N ALA A 30 5.18 -10.73 -11.14
CA ALA A 30 3.76 -10.38 -11.21
C ALA A 30 3.04 -10.75 -9.92
N ALA A 31 3.38 -11.90 -9.33
CA ALA A 31 2.75 -12.34 -8.10
C ALA A 31 3.22 -11.56 -6.87
N PHE A 32 4.28 -10.77 -7.00
CA PHE A 32 4.75 -9.95 -5.89
C PHE A 32 3.90 -8.71 -5.68
N ALA A 33 3.12 -8.32 -6.70
CA ALA A 33 2.29 -7.12 -6.59
C ALA A 33 1.21 -7.22 -5.52
N PRO A 34 0.40 -8.29 -5.44
CA PRO A 34 -0.64 -8.33 -4.40
C PRO A 34 -0.09 -8.35 -2.98
N ILE A 35 1.16 -8.74 -2.79
CA ILE A 35 1.71 -8.83 -1.43
C ILE A 35 1.87 -7.43 -0.84
N CYS A 36 2.44 -6.50 -1.59
CA CYS A 36 2.74 -5.18 -1.06
C CYS A 36 1.63 -4.16 -1.30
N VAL A 37 0.68 -4.46 -2.19
CA VAL A 37 -0.39 -3.53 -2.51
C VAL A 37 -1.77 -4.09 -2.19
N GLY A 38 -1.87 -5.31 -1.66
CA GLY A 38 -3.16 -5.94 -1.45
C GLY A 38 -3.96 -5.38 -0.30
N ILE A 39 -3.34 -4.54 0.55
CA ILE A 39 -4.06 -3.99 1.69
C ILE A 39 -5.19 -3.08 1.24
N VAL A 40 -5.10 -2.54 0.02
CA VAL A 40 -6.14 -1.68 -0.50
C VAL A 40 -7.46 -2.43 -0.63
N PHE A 41 -7.39 -3.71 -1.01
CA PHE A 41 -8.59 -4.52 -1.20
C PHE A 41 -8.86 -5.49 -0.06
N LEU A 42 -7.84 -5.95 0.64
CA LEU A 42 -8.04 -6.84 1.78
C LEU A 42 -8.41 -6.08 3.05
N GLY A 43 -8.19 -4.78 3.10
CA GLY A 43 -8.41 -4.03 4.32
C GLY A 43 -9.21 -2.75 4.16
N PHE A 44 -10.24 -2.76 3.32
CA PHE A 44 -11.04 -1.56 3.14
C PHE A 44 -11.95 -1.34 4.34
N THR A 45 -12.21 -0.06 4.64
CA THR A 45 -13.03 0.32 5.78
C THR A 45 -14.38 0.80 5.31
N PRO A 46 -15.46 0.05 5.49
CA PRO A 46 -16.78 0.52 5.09
C PRO A 46 -17.41 1.40 6.15
N ASP A 47 -18.55 1.98 5.81
CA ASP A 47 -19.30 2.78 6.77
C ASP A 47 -19.85 1.88 7.87
N HIS A 48 -19.87 2.40 9.09
CA HIS A 48 -20.25 1.61 10.25
C HIS A 48 -20.84 2.50 11.32
N HIS A 49 -21.53 1.87 12.27
CA HIS A 49 -22.10 2.54 13.44
C HIS A 49 -22.30 1.48 14.51
N CYS A 50 -22.52 1.93 15.75
CA CYS A 50 -22.72 1.02 16.85
C CYS A 50 -23.92 0.12 16.58
N GLN A 51 -23.72 -1.19 16.72
CA GLN A 51 -24.84 -2.11 16.69
C GLN A 51 -25.63 -2.02 17.99
N SER A 52 -26.95 -1.95 17.88
CA SER A 52 -27.82 -1.85 19.04
C SER A 52 -28.82 -3.01 19.00
N PRO A 53 -29.16 -3.57 20.15
CA PRO A 53 -30.02 -4.76 20.14
C PRO A 53 -31.49 -4.45 19.87
N GLY A 54 -31.99 -3.33 20.35
CA GLY A 54 -33.41 -3.04 20.25
C GLY A 54 -33.83 -2.21 19.06
N VAL A 55 -32.85 -1.73 18.28
CA VAL A 55 -33.17 -0.88 17.14
C VAL A 55 -33.84 -1.67 16.03
N ALA A 56 -33.36 -2.90 15.79
CA ALA A 56 -33.90 -3.69 14.67
C ALA A 56 -35.38 -4.01 14.88
N GLU A 57 -35.76 -4.38 16.10
CA GLU A 57 -37.16 -4.71 16.37
C GLU A 57 -38.07 -3.51 16.17
N LEU A 58 -37.63 -2.33 16.63
CA LEU A 58 -38.43 -1.13 16.45
C LEU A 58 -38.55 -0.77 14.97
N SER A 59 -37.47 -0.95 14.21
CA SER A 59 -37.51 -0.67 12.78
C SER A 59 -38.50 -1.58 12.07
N GLN A 60 -38.52 -2.87 12.43
CA GLN A 60 -39.48 -3.79 11.84
C GLN A 60 -40.91 -3.43 12.26
N ARG A 61 -41.09 -3.01 13.51
CA ARG A 61 -42.42 -2.62 13.98
C ARG A 61 -42.94 -1.42 13.20
N CYS A 62 -42.09 -0.41 13.00
CA CYS A 62 -42.52 0.80 12.31
C CYS A 62 -42.36 0.73 10.80
N GLY A 63 -41.46 -0.12 10.29
CA GLY A 63 -41.23 -0.19 8.87
C GLY A 63 -40.27 0.84 8.33
N TRP A 64 -39.17 1.07 9.05
CA TRP A 64 -38.20 2.08 8.62
C TRP A 64 -37.40 1.60 7.42
N SER A 65 -37.15 2.51 6.49
CA SER A 65 -36.22 2.26 5.41
C SER A 65 -34.79 2.32 5.93
N PRO A 66 -33.82 1.75 5.20
CA PRO A 66 -32.44 1.77 5.69
C PRO A 66 -31.90 3.17 5.96
N ALA A 67 -32.29 4.16 5.16
CA ALA A 67 -31.87 5.54 5.43
C ALA A 67 -32.65 6.14 6.59
N GLU A 68 -33.94 5.80 6.72
CA GLU A 68 -34.73 6.34 7.82
C GLU A 68 -34.25 5.83 9.17
N GLU A 69 -33.79 4.58 9.22
CA GLU A 69 -33.24 4.04 10.45
C GLU A 69 -31.98 4.81 10.87
N LEU A 70 -31.10 5.11 9.91
CA LEU A 70 -29.92 5.91 10.22
C LEU A 70 -30.31 7.31 10.66
N ASN A 71 -31.34 7.88 10.04
CA ASN A 71 -31.79 9.21 10.42
C ASN A 71 -32.32 9.22 11.86
N TYR A 72 -33.07 8.20 12.24
CA TYR A 72 -33.72 8.17 13.55
C TYR A 72 -32.85 7.60 14.67
N THR A 73 -31.76 6.92 14.35
CA THR A 73 -31.06 6.23 15.44
C THR A 73 -29.63 6.71 15.66
N VAL A 74 -28.81 6.76 14.62
CA VAL A 74 -27.39 7.07 14.76
C VAL A 74 -27.23 8.55 15.08
N PRO A 75 -26.31 8.93 15.97
CA PRO A 75 -26.07 10.35 16.23
C PRO A 75 -25.64 11.10 14.98
N GLY A 76 -26.07 12.35 14.86
CA GLY A 76 -25.81 13.12 13.67
C GLY A 76 -24.37 13.56 13.55
N LEU A 77 -24.06 14.14 12.38
CA LEU A 77 -22.70 14.58 12.09
C LEU A 77 -22.40 15.91 12.78
N GLY A 78 -23.17 16.95 12.47
CA GLY A 78 -22.97 18.26 13.03
C GLY A 78 -21.90 19.05 12.29
N PRO A 79 -21.44 20.13 12.90
CA PRO A 79 -20.44 20.98 12.25
C PRO A 79 -19.10 20.28 12.12
N ALA A 80 -18.37 20.67 11.06
CA ALA A 80 -17.01 20.16 10.79
C ALA A 80 -17.00 18.64 10.60
N GLY A 81 -18.12 18.08 10.15
CA GLY A 81 -18.19 16.64 9.92
C GLY A 81 -18.43 15.87 11.19
N GLU A 82 -17.37 15.67 11.97
CA GLU A 82 -17.43 14.96 13.26
C GLU A 82 -18.13 13.61 13.12
N ALA A 83 -17.53 12.73 12.32
CA ALA A 83 -18.07 11.38 12.15
C ALA A 83 -17.82 10.50 13.36
N PHE A 84 -17.02 10.96 14.32
CA PHE A 84 -16.69 10.13 15.48
C PHE A 84 -17.92 9.81 16.31
N LEU A 85 -18.81 10.79 16.50
CA LEU A 85 -19.97 10.57 17.36
C LEU A 85 -20.93 9.54 16.77
N GLY A 86 -20.98 9.43 15.44
CA GLY A 86 -21.89 8.49 14.82
C GLY A 86 -21.31 7.10 14.63
N GLN A 87 -19.98 7.01 14.56
CA GLN A 87 -19.34 5.73 14.28
C GLN A 87 -18.88 5.03 15.55
N CYS A 88 -18.47 5.80 16.57
CA CYS A 88 -17.90 5.23 17.78
C CYS A 88 -18.77 5.45 19.02
N ARG A 89 -19.97 6.00 18.86
CA ARG A 89 -20.85 6.26 20.00
C ARG A 89 -22.27 5.87 19.64
N ARG A 90 -23.10 5.74 20.68
CA ARG A 90 -24.50 5.37 20.51
C ARG A 90 -25.31 5.97 21.63
N TYR A 91 -26.62 6.10 21.40
CA TYR A 91 -27.53 6.55 22.45
C TYR A 91 -27.93 5.38 23.33
N GLU A 92 -28.01 5.62 24.64
CA GLU A 92 -28.35 4.58 25.60
C GLU A 92 -29.84 4.54 25.93
N VAL A 93 -30.69 4.96 24.99
CA VAL A 93 -32.12 4.94 25.22
C VAL A 93 -32.64 3.51 25.12
N ASP A 94 -33.58 3.16 26.01
CA ASP A 94 -34.22 1.84 26.00
C ASP A 94 -35.18 1.78 24.82
N TRP A 95 -34.70 1.19 23.73
CA TRP A 95 -35.51 1.06 22.52
C TRP A 95 -36.66 0.07 22.69
N ASN A 96 -36.64 -0.76 23.73
CA ASN A 96 -37.68 -1.74 23.95
C ASN A 96 -38.98 -1.12 24.43
N GLN A 97 -38.98 0.14 24.84
CA GLN A 97 -40.20 0.79 25.31
C GLN A 97 -41.16 0.99 24.16
N SER A 98 -42.42 0.60 24.35
CA SER A 98 -43.42 0.73 23.30
C SER A 98 -43.91 2.16 23.13
N ALA A 99 -43.59 3.05 24.09
CA ALA A 99 -44.05 4.44 24.02
C ALA A 99 -43.39 5.24 22.91
N LEU A 100 -42.33 4.70 22.28
CA LEU A 100 -41.65 5.43 21.23
C LEU A 100 -42.53 5.56 20.00
N SER A 101 -42.66 6.78 19.48
CA SER A 101 -43.45 7.01 18.29
C SER A 101 -42.65 6.65 17.04
N CYS A 102 -43.36 6.17 16.01
CA CYS A 102 -42.71 5.80 14.76
C CYS A 102 -42.28 6.99 13.93
N VAL A 103 -42.94 8.14 14.08
CA VAL A 103 -42.54 9.33 13.31
C VAL A 103 -41.17 9.82 13.75
N ASP A 104 -40.97 9.97 15.07
CA ASP A 104 -39.68 10.35 15.61
C ASP A 104 -39.58 9.87 17.05
N PRO A 105 -38.81 8.81 17.32
CA PRO A 105 -38.75 8.28 18.69
C PRO A 105 -37.92 9.14 19.64
N LEU A 106 -36.94 9.88 19.13
CA LEU A 106 -36.08 10.68 19.99
C LEU A 106 -36.69 12.03 20.35
N ALA A 107 -37.74 12.45 19.65
CA ALA A 107 -38.32 13.77 19.89
C ALA A 107 -38.98 13.86 21.26
N SER A 108 -39.69 12.80 21.69
CA SER A 108 -40.43 12.85 22.93
C SER A 108 -39.58 12.56 24.15
N LEU A 109 -38.30 12.23 23.96
CA LEU A 109 -37.45 11.84 25.07
C LEU A 109 -36.77 13.02 25.77
N ALA A 110 -36.41 14.06 25.03
CA ALA A 110 -35.71 15.20 25.61
C ALA A 110 -35.89 16.40 24.71
N THR A 111 -35.49 17.57 25.23
CA THR A 111 -35.58 18.80 24.45
C THR A 111 -34.68 18.75 23.22
N ASN A 112 -33.47 18.21 23.37
CA ASN A 112 -32.55 18.11 22.25
C ASN A 112 -31.80 16.79 22.36
N ARG A 113 -31.39 16.26 21.20
CA ARG A 113 -30.68 14.99 21.16
C ARG A 113 -29.29 15.09 21.79
N SER A 114 -28.74 16.29 21.89
CA SER A 114 -27.39 16.46 22.46
C SER A 114 -27.35 16.10 23.94
N HIS A 115 -28.47 16.18 24.64
CA HIS A 115 -28.51 15.90 26.07
C HIS A 115 -28.65 14.42 26.39
N LEU A 116 -28.88 13.58 25.38
CA LEU A 116 -29.00 12.15 25.63
C LEU A 116 -27.64 11.56 26.03
N PRO A 117 -27.63 10.51 26.85
CA PRO A 117 -26.36 9.87 27.21
C PRO A 117 -25.74 9.14 26.03
N LEU A 118 -24.41 9.01 26.05
CA LEU A 118 -23.67 8.32 25.02
C LEU A 118 -22.80 7.23 25.64
N GLY A 119 -22.46 6.23 24.83
CA GLY A 119 -21.60 5.15 25.26
C GLY A 119 -20.88 4.51 24.08
N PRO A 120 -19.92 3.65 24.37
CA PRO A 120 -19.20 2.96 23.29
C PRO A 120 -20.04 1.82 22.71
N CYS A 121 -19.60 1.32 21.56
CA CYS A 121 -20.26 0.19 20.92
C CYS A 121 -19.88 -1.09 21.66
N GLN A 122 -20.63 -1.37 22.73
CA GLN A 122 -20.38 -2.56 23.52
C GLN A 122 -20.75 -3.83 22.77
N ASP A 123 -21.85 -3.79 22.02
CA ASP A 123 -22.40 -4.98 21.38
C ASP A 123 -21.90 -5.20 19.97
N GLY A 124 -20.99 -4.36 19.49
CA GLY A 124 -20.40 -4.56 18.17
C GLY A 124 -20.70 -3.45 17.20
N TRP A 125 -20.56 -3.78 15.91
CA TRP A 125 -20.65 -2.82 14.83
C TRP A 125 -21.44 -3.41 13.66
N VAL A 126 -21.99 -2.53 12.85
CA VAL A 126 -22.72 -2.90 11.64
C VAL A 126 -22.04 -2.25 10.44
N TYR A 127 -21.54 -3.06 9.52
CA TYR A 127 -20.80 -2.59 8.36
C TYR A 127 -21.70 -2.68 7.13
N ASP A 128 -21.79 -1.57 6.39
CA ASP A 128 -22.62 -1.51 5.18
C ASP A 128 -21.77 -1.90 3.98
N THR A 129 -21.60 -3.21 3.81
CA THR A 129 -20.87 -3.77 2.68
C THR A 129 -21.36 -5.18 2.44
N PRO A 130 -21.39 -5.63 1.18
CA PRO A 130 -21.76 -7.03 0.92
C PRO A 130 -20.64 -8.02 1.11
N GLY A 131 -19.39 -7.60 0.97
CA GLY A 131 -18.24 -8.46 1.17
C GLY A 131 -17.71 -8.41 2.58
N SER A 132 -16.38 -8.55 2.70
CA SER A 132 -15.74 -8.49 4.00
C SER A 132 -14.28 -8.12 3.82
N SER A 133 -13.64 -7.76 4.92
CA SER A 133 -12.23 -7.43 4.93
C SER A 133 -11.68 -7.72 6.32
N ILE A 134 -10.39 -7.46 6.50
CA ILE A 134 -9.79 -7.65 7.82
C ILE A 134 -10.36 -6.66 8.82
N VAL A 135 -10.69 -5.45 8.36
CA VAL A 135 -11.24 -4.43 9.25
C VAL A 135 -12.59 -4.87 9.79
N THR A 136 -13.46 -5.39 8.92
CA THR A 136 -14.78 -5.80 9.36
C THR A 136 -14.72 -7.06 10.22
N GLU A 137 -13.79 -7.96 9.95
CA GLU A 137 -13.73 -9.23 10.65
C GLU A 137 -13.07 -9.12 12.02
N PHE A 138 -11.99 -8.34 12.12
CA PHE A 138 -11.30 -8.15 13.39
C PHE A 138 -11.75 -6.88 14.11
N ASN A 139 -12.70 -6.14 13.55
CA ASN A 139 -13.25 -4.92 14.16
C ASN A 139 -12.15 -3.90 14.44
N LEU A 140 -11.34 -3.62 13.43
CA LEU A 140 -10.27 -2.64 13.53
C LEU A 140 -10.79 -1.22 13.25
N VAL A 141 -11.70 -0.77 14.12
CA VAL A 141 -12.34 0.54 13.98
C VAL A 141 -12.23 1.30 15.29
N CYS A 142 -12.31 2.63 15.17
CA CYS A 142 -12.29 3.55 16.32
C CYS A 142 -11.04 3.39 17.15
N ALA A 143 -11.17 2.80 18.34
CA ALA A 143 -10.02 2.69 19.25
C ALA A 143 -8.93 1.80 18.66
N ASP A 144 -9.29 0.71 18.00
CA ASP A 144 -8.33 -0.22 17.44
C ASP A 144 -7.92 0.13 16.01
N SER A 145 -8.33 1.30 15.51
CA SER A 145 -8.10 1.61 14.10
C SER A 145 -6.62 1.69 13.75
N TRP A 146 -5.76 1.93 14.74
CA TRP A 146 -4.33 2.00 14.47
C TRP A 146 -3.77 0.62 14.13
N LYS A 147 -4.46 -0.45 14.51
CA LYS A 147 -3.97 -1.79 14.24
C LYS A 147 -3.94 -2.12 12.75
N LEU A 148 -4.73 -1.42 11.94
CA LEU A 148 -4.68 -1.65 10.49
C LEU A 148 -3.34 -1.20 9.91
N ASP A 149 -2.71 -0.20 10.51
CA ASP A 149 -1.41 0.26 10.04
C ASP A 149 -0.32 -0.78 10.29
N LEU A 150 -0.48 -1.63 11.31
CA LEU A 150 0.49 -2.67 11.58
C LEU A 150 0.55 -3.72 10.48
N PHE A 151 -0.51 -3.82 9.65
CA PHE A 151 -0.52 -4.80 8.58
C PHE A 151 0.59 -4.54 7.56
N GLN A 152 0.82 -3.27 7.23
CA GLN A 152 1.88 -2.91 6.30
C GLN A 152 3.22 -2.71 6.98
N SER A 153 3.22 -2.22 8.22
CA SER A 153 4.47 -2.04 8.95
C SER A 153 5.14 -3.38 9.24
N CYS A 154 4.35 -4.42 9.55
CA CYS A 154 4.93 -5.74 9.76
C CYS A 154 5.54 -6.28 8.48
N LEU A 155 4.88 -6.09 7.34
CA LEU A 155 5.44 -6.53 6.06
C LEU A 155 6.76 -5.82 5.76
N ASN A 156 6.80 -4.50 6.01
CA ASN A 156 8.02 -3.77 5.70
C ASN A 156 9.15 -4.07 6.70
N ALA A 157 8.82 -4.36 7.95
CA ALA A 157 9.84 -4.84 8.89
C ALA A 157 10.38 -6.19 8.44
N GLY A 158 9.50 -7.07 7.93
CA GLY A 158 9.97 -8.31 7.35
C GLY A 158 10.88 -8.07 6.17
N PHE A 159 10.54 -7.10 5.31
CA PHE A 159 11.43 -6.73 4.22
C PHE A 159 12.80 -6.33 4.73
N LEU A 160 12.83 -5.45 5.74
CA LEU A 160 14.10 -4.93 6.25
C LEU A 160 14.95 -6.05 6.83
N PHE A 161 14.33 -6.95 7.62
CA PHE A 161 15.09 -8.05 8.20
C PHE A 161 15.54 -9.04 7.14
N GLY A 162 14.69 -9.30 6.14
CA GLY A 162 15.07 -10.24 5.09
C GLY A 162 16.21 -9.73 4.24
N SER A 163 16.26 -8.40 4.01
CA SER A 163 17.34 -7.84 3.21
C SER A 163 18.71 -8.11 3.83
N LEU A 164 18.77 -8.41 5.13
CA LEU A 164 20.01 -8.82 5.77
C LEU A 164 20.12 -10.34 5.89
N GLY A 165 19.00 -11.00 6.20
CA GLY A 165 19.05 -12.45 6.44
C GLY A 165 19.31 -13.25 5.17
N VAL A 166 18.72 -12.85 4.05
CA VAL A 166 18.77 -13.65 2.83
C VAL A 166 20.18 -13.71 2.26
N GLY A 167 20.92 -12.60 2.33
CA GLY A 167 22.30 -12.63 1.87
C GLY A 167 23.17 -13.58 2.67
N TYR A 168 23.02 -13.57 3.99
CA TYR A 168 23.73 -14.50 4.85
C TYR A 168 23.35 -15.95 4.53
N PHE A 169 22.05 -16.20 4.36
CA PHE A 169 21.59 -17.56 4.06
C PHE A 169 22.15 -18.05 2.73
N ALA A 170 22.11 -17.21 1.70
CA ALA A 170 22.64 -17.59 0.39
C ALA A 170 24.15 -17.72 0.40
N ASP A 171 24.85 -16.97 1.27
CA ASP A 171 26.29 -17.13 1.39
C ASP A 171 26.64 -18.46 2.04
N ARG A 172 25.91 -18.85 3.09
CA ARG A 172 26.26 -20.07 3.81
C ARG A 172 25.47 -21.30 3.37
N PHE A 173 24.68 -21.20 2.30
CA PHE A 173 23.89 -22.33 1.83
C PHE A 173 23.79 -22.28 0.31
N GLY A 174 23.44 -23.42 -0.27
CA GLY A 174 23.29 -23.55 -1.71
C GLY A 174 22.30 -22.57 -2.31
N ARG A 175 22.70 -21.92 -3.40
CA ARG A 175 21.90 -20.85 -3.99
C ARG A 175 20.55 -21.36 -4.48
N LYS A 176 20.55 -22.39 -5.31
CA LYS A 176 19.31 -22.91 -5.88
C LYS A 176 18.41 -23.48 -4.78
N LEU A 177 19.00 -24.23 -3.85
CA LEU A 177 18.21 -24.78 -2.75
C LEU A 177 17.65 -23.68 -1.86
N CYS A 178 18.42 -22.62 -1.62
CA CYS A 178 17.93 -21.50 -0.82
C CYS A 178 16.76 -20.81 -1.53
N LEU A 179 16.88 -20.61 -2.84
CA LEU A 179 15.79 -19.97 -3.58
C LEU A 179 14.53 -20.84 -3.57
N LEU A 180 14.70 -22.15 -3.76
CA LEU A 180 13.55 -23.06 -3.71
C LEU A 180 12.89 -23.02 -2.34
N GLY A 181 13.70 -23.05 -1.28
CA GLY A 181 13.15 -23.01 0.06
C GLY A 181 12.40 -21.73 0.35
N THR A 182 12.97 -20.59 -0.08
CA THR A 182 12.30 -19.32 0.15
C THR A 182 11.02 -19.19 -0.66
N VAL A 183 10.99 -19.66 -1.90
CA VAL A 183 9.74 -19.64 -2.66
C VAL A 183 8.68 -20.51 -1.99
N LEU A 184 9.08 -21.71 -1.54
CA LEU A 184 8.11 -22.57 -0.85
C LEU A 184 7.61 -21.93 0.43
N VAL A 185 8.50 -21.29 1.19
CA VAL A 185 8.10 -20.63 2.43
C VAL A 185 7.12 -19.50 2.13
N ASN A 186 7.40 -18.71 1.10
CA ASN A 186 6.51 -17.62 0.72
C ASN A 186 5.13 -18.15 0.33
N ALA A 187 5.09 -19.21 -0.49
CA ALA A 187 3.80 -19.75 -0.92
C ALA A 187 3.01 -20.31 0.24
N VAL A 188 3.67 -21.08 1.12
CA VAL A 188 2.98 -21.68 2.24
C VAL A 188 2.46 -20.61 3.20
N SER A 189 3.28 -19.58 3.48
CA SER A 189 2.84 -18.51 4.35
C SER A 189 1.67 -17.75 3.74
N GLY A 190 1.70 -17.52 2.41
CA GLY A 190 0.59 -16.86 1.76
C GLY A 190 -0.71 -17.63 1.84
N VAL A 191 -0.63 -18.95 1.62
CA VAL A 191 -1.84 -19.78 1.70
C VAL A 191 -2.33 -19.87 3.13
N LEU A 192 -1.42 -20.01 4.09
CA LEU A 192 -1.81 -20.20 5.48
C LEU A 192 -2.48 -18.94 6.05
N MET A 193 -2.04 -17.75 5.61
CA MET A 193 -2.61 -16.51 6.14
C MET A 193 -4.09 -16.39 5.81
N ALA A 194 -4.54 -17.01 4.72
CA ALA A 194 -5.96 -16.98 4.39
C ALA A 194 -6.79 -17.76 5.40
N PHE A 195 -6.15 -18.62 6.20
CA PHE A 195 -6.83 -19.39 7.24
C PHE A 195 -6.50 -18.90 8.63
N SER A 196 -6.02 -17.67 8.78
CA SER A 196 -5.62 -17.17 10.08
C SER A 196 -6.83 -17.02 10.99
N PRO A 197 -6.77 -17.51 12.24
CA PRO A 197 -7.93 -17.40 13.13
C PRO A 197 -8.03 -16.08 13.87
N ASN A 198 -6.92 -15.38 14.10
CA ASN A 198 -6.96 -14.11 14.81
C ASN A 198 -5.95 -13.16 14.19
N TYR A 199 -5.83 -11.97 14.79
CA TYR A 199 -4.99 -10.93 14.22
C TYR A 199 -3.51 -11.17 14.48
N MET A 200 -3.17 -11.75 15.63
CA MET A 200 -1.76 -11.97 15.96
C MET A 200 -1.11 -12.98 15.03
N SER A 201 -1.80 -14.09 14.78
CA SER A 201 -1.27 -15.09 13.86
C SER A 201 -1.16 -14.53 12.44
N MET A 202 -2.15 -13.72 12.03
CA MET A 202 -2.08 -13.10 10.71
C MET A 202 -0.88 -12.16 10.62
N LEU A 203 -0.61 -11.39 11.68
CA LEU A 203 0.57 -10.53 11.69
C LEU A 203 1.85 -11.34 11.62
N LEU A 204 1.93 -12.45 12.34
CA LEU A 204 3.13 -13.28 12.28
C LEU A 204 3.34 -13.86 10.89
N PHE A 205 2.26 -14.33 10.25
CA PHE A 205 2.38 -14.84 8.89
C PHE A 205 2.76 -13.73 7.91
N ARG A 206 2.24 -12.52 8.13
CA ARG A 206 2.62 -11.38 7.30
C ARG A 206 4.12 -11.08 7.42
N LEU A 207 4.64 -11.10 8.66
CA LEU A 207 6.06 -10.88 8.86
C LEU A 207 6.89 -11.99 8.19
N LEU A 208 6.46 -13.24 8.35
CA LEU A 208 7.18 -14.35 7.74
C LEU A 208 7.20 -14.25 6.22
N GLN A 209 6.07 -13.85 5.63
CA GLN A 209 6.01 -13.66 4.18
C GLN A 209 6.88 -12.50 3.72
N GLY A 210 6.90 -11.41 4.48
CA GLY A 210 7.73 -10.28 4.11
C GLY A 210 9.21 -10.54 4.30
N LEU A 211 9.57 -11.53 5.13
CA LEU A 211 10.97 -11.92 5.25
C LEU A 211 11.53 -12.40 3.92
N VAL A 212 10.73 -13.16 3.17
CA VAL A 212 11.25 -13.84 1.98
C VAL A 212 10.76 -13.25 0.66
N SER A 213 9.68 -12.47 0.65
CA SER A 213 9.12 -12.00 -0.61
C SER A 213 10.08 -11.11 -1.37
N LYS A 214 10.60 -10.07 -0.71
CA LYS A 214 11.50 -9.14 -1.40
C LYS A 214 12.82 -9.81 -1.74
N GLY A 215 13.28 -10.73 -0.89
CA GLY A 215 14.47 -11.49 -1.21
C GLY A 215 14.31 -12.29 -2.48
N ASN A 216 13.18 -12.98 -2.62
CA ASN A 216 12.91 -13.74 -3.85
C ASN A 216 12.81 -12.81 -5.06
N TRP A 217 12.15 -11.66 -4.89
CA TRP A 217 12.04 -10.73 -6.01
C TRP A 217 13.40 -10.23 -6.47
N MET A 218 14.25 -9.83 -5.52
CA MET A 218 15.59 -9.36 -5.86
C MET A 218 16.43 -10.46 -6.47
N ALA A 219 16.31 -11.69 -5.96
CA ALA A 219 17.07 -12.80 -6.53
C ALA A 219 16.64 -13.07 -7.96
N GLY A 220 15.34 -13.05 -8.24
CA GLY A 220 14.88 -13.25 -9.59
C GLY A 220 15.36 -12.15 -10.53
N TYR A 221 15.33 -10.90 -10.05
CA TYR A 221 15.82 -9.79 -10.87
C TYR A 221 17.31 -9.96 -11.17
N THR A 222 18.10 -10.34 -10.16
CA THR A 222 19.52 -10.53 -10.37
C THR A 222 19.80 -11.66 -11.36
N LEU A 223 19.05 -12.77 -11.22
CA LEU A 223 19.22 -13.89 -12.15
C LEU A 223 18.88 -13.47 -13.58
N ILE A 224 17.77 -12.74 -13.76
CA ILE A 224 17.33 -12.40 -15.10
C ILE A 224 18.24 -11.35 -15.72
N THR A 225 18.89 -10.52 -14.90
CA THR A 225 19.88 -9.59 -15.42
C THR A 225 21.21 -10.28 -15.74
N GLU A 226 21.61 -11.27 -14.95
CA GLU A 226 22.85 -11.99 -15.22
C GLU A 226 22.75 -12.86 -16.46
N PHE A 227 21.61 -13.53 -16.64
CA PHE A 227 21.45 -14.44 -17.78
C PHE A 227 21.54 -13.69 -19.10
N VAL A 228 20.87 -12.54 -19.21
CA VAL A 228 20.84 -11.80 -20.46
C VAL A 228 22.11 -10.96 -20.59
N GLY A 229 22.59 -10.83 -21.83
CA GLY A 229 23.79 -10.06 -22.07
C GLY A 229 23.57 -8.57 -21.99
N SER A 230 24.66 -7.82 -22.21
CA SER A 230 24.60 -6.37 -22.11
C SER A 230 23.74 -5.75 -23.21
N GLY A 231 23.52 -6.44 -24.31
CA GLY A 231 22.73 -5.89 -25.40
C GLY A 231 21.24 -5.85 -25.13
N SER A 232 20.77 -6.53 -24.10
CA SER A 232 19.35 -6.52 -23.76
C SER A 232 19.06 -6.47 -22.27
N ARG A 233 20.03 -6.09 -21.42
CA ARG A 233 19.80 -6.06 -19.98
C ARG A 233 18.74 -5.04 -19.60
N ARG A 234 18.79 -3.86 -20.22
CA ARG A 234 17.86 -2.79 -19.88
C ARG A 234 16.43 -3.15 -20.28
N THR A 235 16.27 -3.76 -21.46
CA THR A 235 14.93 -4.13 -21.92
C THR A 235 14.29 -5.15 -20.98
N VAL A 236 15.06 -6.15 -20.56
CA VAL A 236 14.52 -7.15 -19.65
C VAL A 236 14.27 -6.55 -18.27
N ALA A 237 15.13 -5.63 -17.82
CA ALA A 237 14.91 -4.97 -16.55
C ALA A 237 13.60 -4.18 -16.55
N ILE A 238 13.29 -3.52 -17.67
CA ILE A 238 12.03 -2.81 -17.78
C ILE A 238 10.85 -3.78 -17.88
N MET A 239 11.03 -4.88 -18.61
CA MET A 239 9.97 -5.89 -18.69
C MET A 239 9.65 -6.47 -17.32
N TYR A 240 10.64 -6.49 -16.42
CA TYR A 240 10.40 -6.97 -15.07
C TYR A 240 9.40 -6.09 -14.33
N GLN A 241 9.46 -4.77 -14.54
CA GLN A 241 8.48 -3.86 -13.94
C GLN A 241 7.16 -3.92 -14.69
N MET A 242 7.20 -4.13 -15.99
CA MET A 242 5.95 -4.34 -16.74
C MET A 242 5.18 -5.53 -16.22
N ALA A 243 5.89 -6.59 -15.81
CA ALA A 243 5.23 -7.73 -15.19
C ALA A 243 4.56 -7.35 -13.87
N PHE A 244 5.18 -6.47 -13.09
CA PHE A 244 4.55 -5.97 -11.86
C PHE A 244 3.27 -5.20 -12.17
N THR A 245 3.29 -4.38 -13.23
CA THR A 245 2.09 -3.66 -13.61
C THR A 245 0.98 -4.62 -14.05
N VAL A 246 1.33 -5.66 -14.82
CA VAL A 246 0.34 -6.66 -15.19
C VAL A 246 -0.20 -7.37 -13.95
N GLY A 247 0.65 -7.61 -12.96
CA GLY A 247 0.18 -8.20 -11.71
C GLY A 247 -0.79 -7.30 -10.98
N LEU A 248 -0.55 -5.99 -11.01
CA LEU A 248 -1.49 -5.05 -10.41
C LEU A 248 -2.85 -5.10 -11.11
N VAL A 249 -2.84 -5.15 -12.45
CA VAL A 249 -4.09 -5.25 -13.19
C VAL A 249 -4.83 -6.55 -12.85
N ALA A 250 -4.10 -7.67 -12.78
CA ALA A 250 -4.73 -8.93 -12.41
C ALA A 250 -5.28 -8.88 -10.98
N LEU A 251 -4.56 -8.21 -10.08
CA LEU A 251 -5.06 -8.04 -8.71
C LEU A 251 -6.36 -7.27 -8.69
N THR A 252 -6.45 -6.19 -9.48
CA THR A 252 -7.71 -5.44 -9.55
C THR A 252 -8.83 -6.31 -10.08
N GLY A 253 -8.57 -7.09 -11.14
CA GLY A 253 -9.61 -7.97 -11.67
C GLY A 253 -10.07 -9.00 -10.65
N LEU A 254 -9.12 -9.65 -9.96
CA LEU A 254 -9.47 -10.65 -8.97
C LEU A 254 -10.24 -10.03 -7.80
N ALA A 255 -9.83 -8.84 -7.36
CA ALA A 255 -10.55 -8.15 -6.30
C ALA A 255 -11.97 -7.81 -6.70
N TYR A 256 -12.20 -7.44 -7.96
CA TYR A 256 -13.56 -7.26 -8.41
C TYR A 256 -14.34 -8.57 -8.46
N ALA A 257 -13.68 -9.67 -8.83
CA ALA A 257 -14.38 -10.94 -8.94
C ALA A 257 -14.68 -11.59 -7.59
N LEU A 258 -13.78 -11.42 -6.60
CA LEU A 258 -13.88 -12.08 -5.31
C LEU A 258 -14.07 -11.04 -4.22
N PRO A 259 -15.28 -10.89 -3.67
CA PRO A 259 -15.55 -9.78 -2.74
C PRO A 259 -15.15 -10.04 -1.30
N HIS A 260 -14.69 -11.25 -0.95
CA HIS A 260 -14.29 -11.58 0.42
C HIS A 260 -12.77 -11.67 0.49
N TRP A 261 -12.20 -11.24 1.62
CA TRP A 261 -10.75 -11.16 1.72
C TRP A 261 -10.10 -12.54 1.81
N ARG A 262 -10.80 -13.52 2.39
CA ARG A 262 -10.24 -14.87 2.42
C ARG A 262 -10.26 -15.50 1.03
N TRP A 263 -11.30 -15.21 0.24
CA TRP A 263 -11.34 -15.72 -1.13
C TRP A 263 -10.22 -15.11 -1.97
N LEU A 264 -9.98 -13.81 -1.80
CA LEU A 264 -8.96 -13.14 -2.60
C LEU A 264 -7.56 -13.58 -2.21
N GLN A 265 -7.36 -13.89 -0.92
CA GLN A 265 -6.02 -14.28 -0.47
C GLN A 265 -5.61 -15.64 -1.04
N LEU A 266 -6.52 -16.59 -1.11
CA LEU A 266 -6.20 -17.89 -1.71
C LEU A 266 -5.88 -17.75 -3.19
N ALA A 267 -6.69 -16.97 -3.91
CA ALA A 267 -6.48 -16.83 -5.35
C ALA A 267 -5.20 -16.06 -5.67
N VAL A 268 -4.65 -15.35 -4.69
CA VAL A 268 -3.39 -14.65 -4.89
C VAL A 268 -2.21 -15.60 -4.65
N SER A 269 -2.27 -16.39 -3.57
CA SER A 269 -1.14 -17.21 -3.18
C SER A 269 -1.01 -18.47 -4.04
N LEU A 270 -2.14 -19.04 -4.46
CA LEU A 270 -2.11 -20.29 -5.21
C LEU A 270 -1.27 -20.25 -6.49
N PRO A 271 -1.28 -19.19 -7.31
CA PRO A 271 -0.42 -19.20 -8.51
C PRO A 271 1.04 -19.47 -8.23
N THR A 272 1.60 -18.94 -7.14
CA THR A 272 2.99 -19.21 -6.81
C THR A 272 3.23 -20.68 -6.50
N PHE A 273 2.21 -21.41 -6.07
CA PHE A 273 2.37 -22.84 -5.83
C PHE A 273 2.64 -23.59 -7.14
N LEU A 274 1.94 -23.21 -8.21
CA LEU A 274 2.17 -23.86 -9.50
C LEU A 274 3.55 -23.55 -10.04
N PHE A 275 4.19 -22.48 -9.56
CA PHE A 275 5.56 -22.20 -9.94
C PHE A 275 6.50 -23.32 -9.52
N LEU A 276 6.33 -23.82 -8.29
CA LEU A 276 7.10 -24.98 -7.85
C LEU A 276 6.56 -26.27 -8.45
N LEU A 277 5.24 -26.35 -8.63
CA LEU A 277 4.64 -27.53 -9.25
C LEU A 277 5.09 -27.70 -10.69
N TYR A 278 5.51 -26.60 -11.35
CA TYR A 278 6.04 -26.72 -12.71
C TYR A 278 7.33 -27.51 -12.73
N TYR A 279 8.11 -27.45 -11.65
CA TYR A 279 9.32 -28.26 -11.56
C TYR A 279 8.99 -29.71 -11.25
N TRP A 280 7.98 -29.95 -10.42
CA TRP A 280 7.54 -31.31 -10.12
C TRP A 280 6.29 -31.67 -10.93
N SER A 331 37.35 -7.53 0.37
CA SER A 331 35.90 -7.57 0.52
C SER A 331 35.35 -6.21 0.91
N PRO A 332 34.17 -5.86 0.39
CA PRO A 332 33.56 -4.57 0.72
C PRO A 332 33.16 -4.51 2.19
N SER A 333 33.20 -3.29 2.73
CA SER A 333 32.85 -3.04 4.11
C SER A 333 31.90 -1.85 4.18
N PHE A 334 31.09 -1.81 5.25
CA PHE A 334 30.12 -0.74 5.41
C PHE A 334 30.81 0.61 5.59
N ALA A 335 32.00 0.61 6.20
CA ALA A 335 32.72 1.86 6.41
C ALA A 335 33.22 2.47 5.11
N ASP A 336 33.27 1.68 4.04
CA ASP A 336 33.78 2.19 2.77
C ASP A 336 32.85 3.24 2.17
N LEU A 337 31.54 3.08 2.38
CA LEU A 337 30.56 3.95 1.74
C LEU A 337 30.65 5.40 2.19
N PHE A 338 31.29 5.69 3.31
CA PHE A 338 31.37 7.05 3.82
C PHE A 338 32.80 7.52 4.07
N ARG A 339 33.81 6.77 3.59
CA ARG A 339 35.20 7.16 3.82
C ARG A 339 35.61 8.37 3.00
N THR A 340 34.92 8.64 1.89
CA THR A 340 35.24 9.73 1.00
C THR A 340 34.12 10.76 1.02
N PRO A 341 34.43 12.05 1.16
CA PRO A 341 33.35 13.06 1.21
C PRO A 341 32.44 13.05 0.00
N ARG A 342 33.00 12.86 -1.20
CA ARG A 342 32.15 12.75 -2.39
C ARG A 342 31.29 11.49 -2.33
N LEU A 343 31.89 10.36 -1.95
CA LEU A 343 31.13 9.14 -1.81
C LEU A 343 30.10 9.26 -0.69
N ARG A 344 30.45 9.94 0.40
CA ARG A 344 29.50 10.17 1.48
C ARG A 344 28.31 10.98 0.99
N LYS A 345 28.57 12.05 0.23
CA LYS A 345 27.49 12.88 -0.30
C LYS A 345 26.59 12.08 -1.24
N ARG A 346 27.20 11.31 -2.14
CA ARG A 346 26.41 10.50 -3.07
C ARG A 346 25.58 9.47 -2.33
N THR A 347 26.14 8.84 -1.30
CA THR A 347 25.40 7.85 -0.53
C THR A 347 24.23 8.48 0.20
N PHE A 348 24.44 9.65 0.80
CA PHE A 348 23.35 10.33 1.49
C PHE A 348 22.24 10.72 0.51
N ILE A 349 22.62 11.25 -0.65
CA ILE A 349 21.62 11.67 -1.63
C ILE A 349 20.83 10.47 -2.14
N LEU A 350 21.52 9.37 -2.43
CA LEU A 350 20.82 8.18 -2.91
C LEU A 350 19.91 7.59 -1.85
N MET A 351 20.36 7.58 -0.59
CA MET A 351 19.49 7.15 0.50
C MET A 351 18.23 7.99 0.56
N TYR A 352 18.38 9.31 0.51
CA TYR A 352 17.22 10.18 0.58
C TYR A 352 16.29 9.97 -0.60
N LEU A 353 16.85 9.80 -1.81
CA LEU A 353 16.00 9.58 -2.98
C LEU A 353 15.23 8.28 -2.88
N TRP A 354 15.88 7.20 -2.45
CA TRP A 354 15.17 5.93 -2.29
C TRP A 354 14.06 6.05 -1.25
N PHE A 355 14.38 6.66 -0.11
CA PHE A 355 13.38 6.86 0.94
C PHE A 355 12.20 7.66 0.43
N THR A 356 12.47 8.77 -0.25
CA THR A 356 11.40 9.65 -0.74
C THR A 356 10.54 8.94 -1.78
N ASP A 357 11.16 8.22 -2.72
CA ASP A 357 10.38 7.55 -3.75
C ASP A 357 9.52 6.44 -3.17
N SER A 358 10.06 5.66 -2.24
CA SER A 358 9.24 4.61 -1.62
C SER A 358 8.08 5.22 -0.84
N VAL A 359 8.35 6.28 -0.07
CA VAL A 359 7.29 6.93 0.70
C VAL A 359 6.21 7.46 -0.22
N LEU A 360 6.62 8.16 -1.29
CA LEU A 360 5.64 8.72 -2.22
C LEU A 360 4.80 7.63 -2.87
N TYR A 361 5.44 6.58 -3.37
CA TYR A 361 4.70 5.52 -4.06
C TYR A 361 3.69 4.86 -3.13
N GLN A 362 4.14 4.38 -1.97
CA GLN A 362 3.24 3.68 -1.07
C GLN A 362 2.17 4.62 -0.52
N GLY A 363 2.53 5.85 -0.18
CA GLY A 363 1.57 6.78 0.36
C GLY A 363 0.50 7.17 -0.64
N LEU A 364 0.90 7.39 -1.90
CA LEU A 364 -0.09 7.70 -2.92
C LEU A 364 -1.04 6.54 -3.13
N ILE A 365 -0.52 5.31 -3.19
CA ILE A 365 -1.41 4.17 -3.36
C ILE A 365 -2.38 4.04 -2.18
N LEU A 366 -1.87 4.18 -0.95
CA LEU A 366 -2.72 4.04 0.22
C LEU A 366 -3.75 5.17 0.30
N HIS A 367 -3.35 6.40 -0.05
CA HIS A 367 -4.27 7.52 -0.05
C HIS A 367 -5.38 7.32 -1.08
N MET A 368 -5.03 6.83 -2.27
CA MET A 368 -6.05 6.50 -3.26
C MET A 368 -6.99 5.43 -2.74
N GLY A 369 -6.44 4.40 -2.09
CA GLY A 369 -7.27 3.35 -1.54
C GLY A 369 -8.20 3.83 -0.45
N ALA A 370 -7.78 4.82 0.33
CA ALA A 370 -8.54 5.30 1.47
C ALA A 370 -9.52 6.41 1.14
N THR A 371 -9.33 7.15 0.05
CA THR A 371 -10.18 8.31 -0.23
C THR A 371 -10.97 8.25 -1.53
N SER A 372 -10.65 7.34 -2.45
CA SER A 372 -11.34 7.32 -3.74
C SER A 372 -12.76 6.80 -3.61
N GLY A 373 -13.67 7.39 -4.38
CA GLY A 373 -15.06 6.95 -4.37
C GLY A 373 -15.37 5.81 -5.30
N ASN A 374 -14.47 5.51 -6.24
CA ASN A 374 -14.60 4.36 -7.15
C ASN A 374 -13.24 3.68 -7.17
N LEU A 375 -13.06 2.70 -6.29
CA LEU A 375 -11.73 2.14 -6.06
C LEU A 375 -11.23 1.33 -7.25
N TYR A 376 -12.11 0.51 -7.83
CA TYR A 376 -11.66 -0.41 -8.88
C TYR A 376 -11.22 0.34 -10.13
N LEU A 377 -12.05 1.26 -10.62
CA LEU A 377 -11.70 1.99 -11.84
C LEU A 377 -10.53 2.93 -11.61
N ASP A 378 -10.46 3.58 -10.45
CA ASP A 378 -9.31 4.43 -10.16
C ASP A 378 -8.02 3.62 -10.11
N PHE A 379 -8.06 2.45 -9.47
CA PHE A 379 -6.87 1.60 -9.41
C PHE A 379 -6.48 1.11 -10.80
N LEU A 380 -7.46 0.75 -11.62
CA LEU A 380 -7.16 0.30 -12.98
C LEU A 380 -6.55 1.42 -13.81
N TYR A 381 -7.11 2.62 -13.74
CA TYR A 381 -6.57 3.73 -14.51
C TYR A 381 -5.18 4.12 -14.02
N SER A 382 -4.95 4.07 -12.71
CA SER A 382 -3.64 4.42 -12.19
C SER A 382 -2.59 3.39 -12.57
N ALA A 383 -2.97 2.10 -12.59
CA ALA A 383 -2.02 1.06 -12.94
C ALA A 383 -1.61 1.14 -14.40
N LEU A 384 -2.54 1.48 -15.29
CA LEU A 384 -2.25 1.49 -16.72
C LEU A 384 -1.23 2.56 -17.09
N VAL A 385 -1.28 3.71 -16.42
CA VAL A 385 -0.39 4.82 -16.78
C VAL A 385 1.07 4.50 -16.49
N GLU A 386 1.34 3.43 -15.73
CA GLU A 386 2.73 3.04 -15.49
C GLU A 386 3.43 2.61 -16.78
N ILE A 387 2.71 1.96 -17.69
CA ILE A 387 3.28 1.44 -18.93
C ILE A 387 3.81 2.59 -19.80
N PRO A 388 3.05 3.66 -20.05
CA PRO A 388 3.66 4.82 -20.71
C PRO A 388 4.82 5.41 -19.92
N GLY A 389 4.79 5.32 -18.59
CA GLY A 389 5.93 5.77 -17.81
C GLY A 389 7.17 4.95 -18.08
N ALA A 390 7.03 3.63 -18.17
CA ALA A 390 8.17 2.78 -18.49
C ALA A 390 8.69 3.07 -19.89
N PHE A 391 7.78 3.26 -20.86
CA PHE A 391 8.22 3.59 -22.22
C PHE A 391 8.95 4.92 -22.26
N ILE A 392 8.43 5.93 -21.55
CA ILE A 392 9.08 7.23 -21.51
C ILE A 392 10.45 7.13 -20.87
N ALA A 393 10.56 6.36 -19.79
CA ALA A 393 11.87 6.17 -19.16
C ALA A 393 12.85 5.51 -20.11
N LEU A 394 12.39 4.48 -20.83
CA LEU A 394 13.26 3.79 -21.77
C LEU A 394 13.73 4.72 -22.89
N ILE A 395 12.82 5.55 -23.41
CA ILE A 395 13.20 6.48 -24.47
C ILE A 395 14.14 7.55 -23.95
N THR A 396 13.93 8.01 -22.72
CA THR A 396 14.69 9.15 -22.21
C THR A 396 16.07 8.74 -21.70
N ILE A 397 16.22 7.48 -21.31
CA ILE A 397 17.50 7.05 -20.72
C ILE A 397 18.63 7.18 -21.74
N ASP A 398 18.41 6.74 -22.97
CA ASP A 398 19.49 6.69 -23.96
C ASP A 398 19.55 7.93 -24.84
N ARG A 399 18.76 8.97 -24.56
CA ARG A 399 18.75 10.15 -25.43
C ARG A 399 19.05 11.43 -24.67
N VAL A 400 18.59 11.53 -23.43
CA VAL A 400 18.71 12.77 -22.66
C VAL A 400 19.74 12.65 -21.54
N GLY A 401 19.55 11.71 -20.62
CA GLY A 401 20.43 11.56 -19.48
C GLY A 401 19.69 10.94 -18.32
N ARG A 402 20.24 11.15 -17.12
CA ARG A 402 19.71 10.54 -15.91
C ARG A 402 19.38 11.53 -14.81
N ILE A 403 20.04 12.68 -14.79
CA ILE A 403 19.81 13.64 -13.70
C ILE A 403 18.57 14.48 -13.96
N TYR A 404 18.54 15.18 -15.10
CA TYR A 404 17.38 16.01 -15.42
C TYR A 404 16.08 15.22 -15.52
N PRO A 405 16.03 14.05 -16.19
CA PRO A 405 14.76 13.30 -16.19
C PRO A 405 14.30 12.91 -14.80
N MET A 406 15.21 12.51 -13.92
CA MET A 406 14.81 12.12 -12.57
C MET A 406 14.32 13.31 -11.77
N ALA A 407 15.01 14.45 -11.88
CA ALA A 407 14.56 15.66 -11.20
C ALA A 407 13.19 16.10 -11.68
N MET A 408 12.98 16.06 -13.01
CA MET A 408 11.70 16.46 -13.57
C MET A 408 10.58 15.50 -13.13
N SER A 409 10.87 14.21 -13.11
CA SER A 409 9.86 13.23 -12.68
C SER A 409 9.50 13.40 -11.22
N ASN A 410 10.47 13.68 -10.34
CA ASN A 410 10.15 13.92 -8.95
C ASN A 410 9.38 15.23 -8.76
N LEU A 411 9.75 16.27 -9.50
CA LEU A 411 9.03 17.54 -9.42
C LEU A 411 7.59 17.38 -9.88
N LEU A 412 7.37 16.57 -10.91
CA LEU A 412 6.01 16.34 -11.40
C LEU A 412 5.14 15.70 -10.33
N ALA A 413 5.67 14.68 -9.64
CA ALA A 413 4.91 14.04 -8.57
C ALA A 413 4.66 14.99 -7.42
N GLY A 414 5.65 15.79 -7.05
CA GLY A 414 5.46 16.75 -5.97
C GLY A 414 4.38 17.77 -6.31
N ALA A 415 4.43 18.31 -7.53
CA ALA A 415 3.42 19.28 -7.96
C ALA A 415 2.04 18.65 -8.04
N ALA A 416 1.95 17.40 -8.50
CA ALA A 416 0.66 16.71 -8.54
C ALA A 416 0.10 16.53 -7.13
N CYS A 417 0.96 16.19 -6.16
CA CYS A 417 0.49 16.07 -4.79
C CYS A 417 0.05 17.42 -4.23
N LEU A 418 0.74 18.50 -4.61
CA LEU A 418 0.37 19.82 -4.13
C LEU A 418 -0.97 20.27 -4.69
N VAL A 419 -1.23 20.00 -5.96
CA VAL A 419 -2.45 20.46 -6.61
C VAL A 419 -3.68 19.76 -6.02
N MET A 420 -3.55 18.48 -5.66
CA MET A 420 -4.68 17.71 -5.18
C MET A 420 -5.26 18.25 -3.87
N ILE A 421 -4.53 19.11 -3.17
CA ILE A 421 -5.06 19.70 -1.93
C ILE A 421 -6.27 20.57 -2.22
N PHE A 422 -6.17 21.42 -3.24
CA PHE A 422 -7.19 22.43 -3.50
C PHE A 422 -8.34 21.93 -4.36
N ILE A 423 -8.22 20.76 -4.99
CA ILE A 423 -9.26 20.27 -5.87
C ILE A 423 -10.50 19.93 -5.07
N SER A 424 -11.66 20.40 -5.54
CA SER A 424 -12.91 20.12 -4.86
C SER A 424 -13.27 18.63 -4.99
N PRO A 425 -13.94 18.06 -4.00
CA PRO A 425 -14.28 16.62 -4.06
C PRO A 425 -15.18 16.24 -5.22
N ASP A 426 -15.98 17.16 -5.75
CA ASP A 426 -16.89 16.82 -6.84
C ASP A 426 -16.20 16.75 -8.19
N LEU A 427 -14.98 17.29 -8.31
CA LEU A 427 -14.25 17.24 -9.57
C LEU A 427 -13.44 15.96 -9.67
N HIS A 428 -14.12 14.81 -9.65
CA HIS A 428 -13.42 13.53 -9.71
C HIS A 428 -12.68 13.36 -11.04
N TRP A 429 -13.24 13.89 -12.13
CA TRP A 429 -12.60 13.72 -13.44
C TRP A 429 -11.23 14.39 -13.50
N LEU A 430 -11.03 15.45 -12.72
CA LEU A 430 -9.73 16.10 -12.65
C LEU A 430 -8.83 15.45 -11.59
N ASN A 431 -9.44 14.98 -10.50
CA ASN A 431 -8.67 14.33 -9.44
C ASN A 431 -8.00 13.06 -9.95
N ILE A 432 -8.73 12.27 -10.77
CA ILE A 432 -8.14 11.05 -11.30
C ILE A 432 -7.01 11.37 -12.28
N ILE A 433 -7.15 12.45 -13.06
CA ILE A 433 -6.08 12.85 -13.98
C ILE A 433 -4.83 13.25 -13.21
N ILE A 434 -5.00 14.04 -12.15
CA ILE A 434 -3.84 14.46 -11.36
C ILE A 434 -3.19 13.25 -10.70
N MET A 435 -3.99 12.31 -10.20
CA MET A 435 -3.44 11.11 -9.60
C MET A 435 -2.65 10.29 -10.62
N CYS A 436 -3.18 10.16 -11.83
CA CYS A 436 -2.46 9.42 -12.88
C CYS A 436 -1.15 10.11 -13.24
N VAL A 437 -1.15 11.45 -13.32
CA VAL A 437 0.09 12.17 -13.62
C VAL A 437 1.11 11.94 -12.52
N GLY A 438 0.69 12.00 -11.26
CA GLY A 438 1.62 11.75 -10.16
C GLY A 438 2.18 10.35 -10.17
N ARG A 439 1.32 9.37 -10.45
CA ARG A 439 1.79 7.98 -10.51
C ARG A 439 2.78 7.76 -11.66
N MET A 440 2.51 8.36 -12.82
CA MET A 440 3.46 8.27 -13.92
C MET A 440 4.79 8.91 -13.55
N GLY A 441 4.74 10.06 -12.87
CA GLY A 441 5.95 10.71 -12.42
C GLY A 441 6.79 9.86 -11.47
N ILE A 442 6.16 9.28 -10.45
CA ILE A 442 6.93 8.46 -9.52
C ILE A 442 7.44 7.20 -10.21
N THR A 443 6.66 6.64 -11.14
CA THR A 443 7.14 5.47 -11.88
C THR A 443 8.40 5.80 -12.68
N ILE A 444 8.39 6.95 -13.37
CA ILE A 444 9.57 7.35 -14.15
C ILE A 444 10.75 7.61 -13.21
N ALA A 445 10.51 8.25 -12.08
CA ALA A 445 11.58 8.53 -11.14
C ALA A 445 12.20 7.24 -10.61
N ILE A 446 11.37 6.26 -10.27
CA ILE A 446 11.90 4.98 -9.77
C ILE A 446 12.67 4.25 -10.86
N GLN A 447 12.17 4.28 -12.11
CA GLN A 447 12.91 3.65 -13.20
C GLN A 447 14.27 4.29 -13.38
N MET A 448 14.35 5.62 -13.29
CA MET A 448 15.64 6.29 -13.41
C MET A 448 16.57 5.93 -12.24
N ILE A 449 16.05 5.92 -11.02
CA ILE A 449 16.91 5.69 -9.87
C ILE A 449 17.41 4.25 -9.84
N CYS A 450 16.62 3.30 -10.35
CA CYS A 450 17.08 1.90 -10.37
C CYS A 450 18.36 1.72 -11.16
N LEU A 451 18.67 2.63 -12.08
CA LEU A 451 19.92 2.58 -12.81
C LEU A 451 20.95 3.56 -12.23
N VAL A 452 20.49 4.73 -11.80
CA VAL A 452 21.41 5.73 -11.27
C VAL A 452 22.11 5.21 -10.01
N ASN A 453 21.36 4.58 -9.11
CA ASN A 453 21.97 4.04 -7.90
C ASN A 453 22.99 2.97 -8.22
N ALA A 454 22.68 2.09 -9.18
CA ALA A 454 23.58 0.98 -9.50
C ALA A 454 24.86 1.48 -10.16
N GLU A 455 24.76 2.45 -11.07
CA GLU A 455 25.93 2.84 -11.85
C GLU A 455 26.79 3.89 -11.17
N LEU A 456 26.33 4.47 -10.06
CA LEU A 456 27.12 5.48 -9.37
C LEU A 456 28.16 4.90 -8.42
N TYR A 457 28.15 3.58 -8.21
CA TYR A 457 29.17 3.00 -7.33
C TYR A 457 30.16 2.17 -8.14
N PRO A 458 31.41 2.09 -7.69
CA PRO A 458 32.37 1.17 -8.34
C PRO A 458 31.97 -0.27 -8.11
N THR A 459 32.45 -1.14 -9.00
CA THR A 459 32.05 -2.55 -8.96
C THR A 459 32.44 -3.22 -7.66
N PHE A 460 33.52 -2.76 -7.02
CA PHE A 460 34.00 -3.39 -5.79
C PHE A 460 32.96 -3.30 -4.67
N VAL A 461 32.33 -2.13 -4.52
CA VAL A 461 31.34 -1.94 -3.47
C VAL A 461 29.94 -1.67 -4.01
N ARG A 462 29.65 -2.04 -5.26
CA ARG A 462 28.37 -1.72 -5.87
C ARG A 462 27.21 -2.43 -5.15
N ASN A 463 27.36 -3.72 -4.90
CA ASN A 463 26.25 -4.50 -4.36
C ASN A 463 25.94 -4.13 -2.92
N LEU A 464 26.97 -3.95 -2.09
CA LEU A 464 26.74 -3.54 -0.71
C LEU A 464 26.10 -2.17 -0.63
N GLY A 465 26.56 -1.24 -1.47
CA GLY A 465 25.93 0.08 -1.52
C GLY A 465 24.48 0.01 -1.97
N VAL A 466 24.19 -0.86 -2.94
CA VAL A 466 22.82 -1.02 -3.39
C VAL A 466 21.94 -1.56 -2.26
N MET A 467 22.43 -2.54 -1.51
CA MET A 467 21.66 -3.07 -0.39
C MET A 467 21.43 -2.01 0.68
N VAL A 468 22.46 -1.22 0.99
CA VAL A 468 22.32 -0.18 2.00
C VAL A 468 21.31 0.87 1.55
N CYS A 469 21.37 1.27 0.28
CA CYS A 469 20.41 2.24 -0.24
C CYS A 469 19.00 1.69 -0.24
N SER A 470 18.84 0.41 -0.58
CA SER A 470 17.50 -0.19 -0.61
C SER A 470 16.92 -0.41 0.78
N SER A 471 17.74 -0.50 1.82
CA SER A 471 17.21 -0.58 3.18
C SER A 471 16.42 0.67 3.58
N LEU A 472 16.78 1.82 3.03
CA LEU A 472 16.01 3.04 3.29
C LEU A 472 14.59 2.93 2.73
N CYS A 473 14.43 2.22 1.61
CA CYS A 473 13.09 1.98 1.08
C CYS A 473 12.24 1.21 2.07
N ASP A 474 12.83 0.19 2.71
CA ASP A 474 12.11 -0.59 3.71
C ASP A 474 11.79 0.24 4.95
N ILE A 475 12.71 1.10 5.38
CA ILE A 475 12.42 1.98 6.51
C ILE A 475 11.28 2.93 6.18
N GLY A 476 11.30 3.52 4.98
CA GLY A 476 10.21 4.38 4.57
C GLY A 476 8.89 3.65 4.47
N GLY A 477 8.92 2.38 4.04
CA GLY A 477 7.73 1.57 4.05
C GLY A 477 7.22 1.29 5.45
N ILE A 478 8.13 1.15 6.42
CA ILE A 478 7.71 0.99 7.81
C ILE A 478 7.00 2.26 8.30
N ILE A 479 7.59 3.42 8.03
CA ILE A 479 7.06 4.67 8.59
C ILE A 479 5.77 5.09 7.89
N THR A 480 5.66 4.85 6.58
CA THR A 480 4.58 5.43 5.79
C THR A 480 3.16 5.15 6.28
N PRO A 481 2.77 3.92 6.64
CA PRO A 481 1.34 3.69 6.95
C PRO A 481 0.80 4.55 8.07
N PHE A 482 1.65 4.92 9.04
CA PHE A 482 1.18 5.78 10.12
C PHE A 482 1.02 7.22 9.64
N ILE A 483 1.78 7.62 8.62
CA ILE A 483 1.62 8.96 8.06
C ILE A 483 0.30 9.07 7.31
N VAL A 484 -0.03 8.08 6.49
CA VAL A 484 -1.24 8.15 5.67
C VAL A 484 -2.48 8.01 6.54
N PHE A 485 -2.47 7.05 7.47
CA PHE A 485 -3.69 6.75 8.22
C PHE A 485 -3.85 7.66 9.45
N ARG A 486 -2.86 7.69 10.33
CA ARG A 486 -2.99 8.40 11.59
C ARG A 486 -2.93 9.91 11.44
N LEU A 487 -2.01 10.41 10.62
CA LEU A 487 -1.88 11.85 10.47
C LEU A 487 -3.05 12.46 9.71
N ARG A 488 -3.71 11.67 8.86
CA ARG A 488 -4.88 12.15 8.15
C ARG A 488 -6.04 12.43 9.11
N GLU A 489 -6.10 11.70 10.23
CA GLU A 489 -7.14 11.96 11.22
C GLU A 489 -7.01 13.36 11.81
N VAL A 490 -5.78 13.80 12.08
CA VAL A 490 -5.57 15.16 12.58
C VAL A 490 -6.00 16.20 11.55
N TRP A 491 -5.63 15.99 10.30
CA TRP A 491 -6.01 16.89 9.20
C TRP A 491 -5.92 16.10 7.91
N GLN A 492 -6.95 16.18 7.07
CA GLN A 492 -7.01 15.33 5.88
C GLN A 492 -5.91 15.67 4.88
N ALA A 493 -5.61 16.97 4.71
CA ALA A 493 -4.66 17.38 3.70
C ALA A 493 -3.20 17.33 4.16
N LEU A 494 -2.95 17.00 5.43
CA LEU A 494 -1.58 16.98 5.93
C LEU A 494 -0.69 15.96 5.23
N PRO A 495 -1.13 14.70 5.00
CA PRO A 495 -0.26 13.78 4.24
C PRO A 495 0.12 14.31 2.86
N LEU A 496 -0.81 14.99 2.19
CA LEU A 496 -0.48 15.57 0.89
C LEU A 496 0.54 16.69 1.02
N ILE A 497 0.47 17.48 2.10
CA ILE A 497 1.48 18.50 2.33
C ILE A 497 2.86 17.86 2.54
N LEU A 498 2.92 16.80 3.34
CA LEU A 498 4.19 16.10 3.54
C LEU A 498 4.72 15.54 2.23
N PHE A 499 3.84 14.95 1.42
CA PHE A 499 4.27 14.37 0.15
C PHE A 499 4.77 15.45 -0.80
N ALA A 500 4.10 16.60 -0.83
CA ALA A 500 4.56 17.70 -1.68
C ALA A 500 5.92 18.20 -1.25
N VAL A 501 6.12 18.35 0.07
CA VAL A 501 7.43 18.82 0.56
C VAL A 501 8.52 17.82 0.22
N LEU A 502 8.26 16.53 0.44
CA LEU A 502 9.25 15.51 0.12
C LEU A 502 9.56 15.46 -1.37
N GLY A 503 8.54 15.58 -2.21
CA GLY A 503 8.77 15.56 -3.64
C GLY A 503 9.57 16.76 -4.12
N LEU A 504 9.25 17.95 -3.62
CA LEU A 504 10.01 19.13 -4.00
C LEU A 504 11.46 19.03 -3.53
N LEU A 505 11.69 18.55 -2.31
CA LEU A 505 13.06 18.38 -1.84
C LEU A 505 13.82 17.35 -2.68
N ALA A 506 13.17 16.24 -3.03
CA ALA A 506 13.81 15.24 -3.87
C ALA A 506 14.14 15.80 -5.25
N ALA A 507 13.26 16.63 -5.79
CA ALA A 507 13.56 17.29 -7.06
C ALA A 507 14.77 18.22 -6.92
N GLY A 508 14.83 18.97 -5.82
CA GLY A 508 15.96 19.86 -5.62
C GLY A 508 17.26 19.12 -5.39
N VAL A 509 17.23 18.08 -4.54
CA VAL A 509 18.45 17.37 -4.17
C VAL A 509 19.06 16.65 -5.36
N THR A 510 18.22 16.12 -6.26
CA THR A 510 18.70 15.29 -7.36
C THR A 510 19.69 16.04 -8.24
N LEU A 511 19.51 17.36 -8.39
CA LEU A 511 20.37 18.15 -9.27
C LEU A 511 21.83 18.15 -8.82
N LEU A 512 22.12 17.82 -7.56
CA LEU A 512 23.49 17.87 -7.06
C LEU A 512 24.34 16.72 -7.57
N LEU A 513 23.75 15.59 -7.92
CA LEU A 513 24.52 14.45 -8.40
C LEU A 513 25.14 14.76 -9.76
N PRO A 514 26.35 14.25 -10.01
CA PRO A 514 26.97 14.46 -11.32
C PRO A 514 26.24 13.70 -12.41
N GLU A 515 26.36 14.21 -13.63
CA GLU A 515 25.69 13.63 -14.78
C GLU A 515 26.25 12.25 -15.12
CM2 VIB B . 6.36 -1.00 -2.49
N4A VIB B . 9.50 1.35 -5.06
CM4 VIB B . 7.48 1.25 -8.75
O1 VIB B . 7.74 0.82 -12.47
C7 VIB B . 6.68 -0.10 -12.55
C6 VIB B . 6.09 -0.24 -11.15
C2 VIB B . 8.62 -2.22 -8.94
S1 VIB B . 7.62 -2.43 -10.26
C5 VIB B . 7.09 -0.80 -10.18
C4 VIB B . 7.69 -0.16 -9.15
N3 VIB B . 8.55 -1.00 -8.46
C7A VIB B . 9.36 -0.60 -7.29
C4A VIB B . 8.68 0.28 -4.98
N3A VIB B . 7.96 0.16 -3.86
C2A VIB B . 7.16 -0.88 -3.75
N1A VIB B . 6.99 -1.84 -4.66
C6A VIB B . 7.71 -1.71 -5.77
C5A VIB B . 8.58 -0.67 -6.01
#